data_9JDG
#
_entry.id   9JDG
#
_cell.length_a   1.00
_cell.length_b   1.00
_cell.length_c   1.00
_cell.angle_alpha   90.00
_cell.angle_beta   90.00
_cell.angle_gamma   90.00
#
_symmetry.space_group_name_H-M   'P 1'
#
loop_
_entity.id
_entity.type
_entity.pdbx_description
1 polymer 'Sodium- and chloride-dependent taurine transporter'
2 non-polymer DODECANE
3 non-polymer N-OCTANE
4 non-polymer DECANE
5 non-polymer 'CHLORIDE ION'
6 non-polymer 2-acetamido-2-deoxy-beta-D-glucopyranose
7 water water
#
_entity_poly.entity_id   1
_entity_poly.type   'polypeptide(L)'
_entity_poly.pdbx_seq_one_letter_code
;MATKEKLQCLKDFHKDILKPSPGKSPGTRPEDEAEGKPPQREKWSSKIDFVLSVAGGFVGLGNVWRFPYLCYKNGGGAFL
IPYFIFLFGSGLPVFFLEIIIGQYTSEGGITCWEKICPLFSGIGYASVVIVSLLNVYYIVILAWATYYLFQSFQKELPWA
HCNHSWNTPHCMEDTMRKNKSVWITISSTNFTSPVIEFWERNVLSLSPGIDHPGSLKWDLALCLLLVWLVCFFCIWKGVR
STGKVVYFTATFPFAMLLVLLVRGLTLPGAGAGIKFYLYPDITRLEDPQVWIDAGTQIFFSYAICLGAMTSLGSYNKYKY
NSYRDCMLLGCLNSGTSFVSGFAIFSILGFMAQEQGVDIADVAESGPGLAFIAYPKAVTMMPLPTFWSILFFIMLLLLGL
DSQFVEVEGQITSLVDLYPSFLRKGYRREIFIAFVCSISYLLGLTMVTEGGMYVFQLFDYYAASGVCLLWVAFFECFVIA
WIYGGDNLYDGIEDMIGYRPGPWMKYSWAVITPVLCVGCFIFSLVKYVPLTYNKTYVYPNWAIGLGWSLALSSMLCVPLV
IVIRLCQTEGPFLVRVKYLLTPREPNRWAVEREGATPYNSRTVMNGALVKPTHIIVETMM
;
_entity_poly.pdbx_strand_id   A
#
# COMPACT_ATOMS: atom_id res chain seq x y z
N SER A 46 -0.72 31.04 -9.29
CA SER A 46 -0.83 30.14 -10.43
C SER A 46 -1.20 28.74 -9.98
N LYS A 47 -0.65 27.73 -10.64
CA LYS A 47 -0.91 26.33 -10.32
C LYS A 47 0.32 25.58 -9.82
N ILE A 48 1.52 25.99 -10.23
CA ILE A 48 2.73 25.31 -9.79
C ILE A 48 2.92 25.49 -8.29
N ASP A 49 2.65 26.69 -7.78
CA ASP A 49 2.82 26.95 -6.35
C ASP A 49 1.87 26.08 -5.53
N PHE A 50 0.65 25.86 -6.03
CA PHE A 50 -0.29 24.98 -5.33
C PHE A 50 0.23 23.55 -5.31
N VAL A 51 0.84 23.10 -6.41
CA VAL A 51 1.48 21.79 -6.43
C VAL A 51 2.66 21.76 -5.48
N LEU A 52 3.43 22.85 -5.43
CA LEU A 52 4.55 22.93 -4.49
C LEU A 52 4.08 22.87 -3.05
N SER A 53 2.96 23.53 -2.74
CA SER A 53 2.46 23.55 -1.36
C SER A 53 2.10 22.16 -0.88
N VAL A 54 1.49 21.34 -1.75
CA VAL A 54 1.09 19.99 -1.38
C VAL A 54 2.21 18.97 -1.53
N ALA A 55 3.41 19.41 -1.91
CA ALA A 55 4.59 18.55 -2.00
C ALA A 55 4.36 17.38 -2.97
N GLY A 56 5.19 16.35 -2.84
CA GLY A 56 5.08 15.19 -3.71
C GLY A 56 5.11 13.87 -2.95
N GLY A 57 4.53 13.86 -1.76
CA GLY A 57 4.53 12.66 -0.93
C GLY A 57 3.49 11.63 -1.29
N PHE A 58 2.69 11.87 -2.33
CA PHE A 58 1.67 10.91 -2.73
C PHE A 58 2.30 9.66 -3.34
N VAL A 59 3.39 9.83 -4.10
CA VAL A 59 4.03 8.69 -4.74
C VAL A 59 4.72 7.82 -3.69
N GLY A 60 4.54 6.51 -3.82
CA GLY A 60 5.16 5.55 -2.92
C GLY A 60 5.41 4.25 -3.64
N LEU A 61 5.74 3.22 -2.86
CA LEU A 61 5.96 1.90 -3.45
C LEU A 61 4.64 1.26 -3.88
N GLY A 62 3.51 1.76 -3.38
CA GLY A 62 2.24 1.25 -3.85
C GLY A 62 1.98 1.58 -5.31
N ASN A 63 2.66 2.59 -5.84
CA ASN A 63 2.48 3.00 -7.22
C ASN A 63 3.43 2.30 -8.18
N VAL A 64 4.71 2.19 -7.82
CA VAL A 64 5.72 1.66 -8.73
C VAL A 64 6.05 0.20 -8.45
N TRP A 65 5.51 -0.37 -7.37
CA TRP A 65 5.81 -1.77 -7.07
C TRP A 65 4.55 -2.62 -7.04
N ARG A 66 3.52 -2.18 -6.32
CA ARG A 66 2.37 -3.04 -6.08
C ARG A 66 1.39 -2.98 -7.25
N PHE A 67 1.11 -1.80 -7.76
CA PHE A 67 0.18 -1.68 -8.88
C PHE A 67 0.57 -2.49 -10.10
N PRO A 68 1.83 -2.47 -10.57
CA PRO A 68 2.14 -3.23 -11.79
C PRO A 68 1.87 -4.72 -11.68
N TYR A 69 2.13 -5.34 -10.53
CA TYR A 69 2.00 -6.79 -10.46
C TYR A 69 0.58 -7.21 -10.14
N LEU A 70 -0.17 -6.35 -9.43
CA LEU A 70 -1.60 -6.60 -9.28
C LEU A 70 -2.30 -6.48 -10.62
N CYS A 71 -1.89 -5.52 -11.44
CA CYS A 71 -2.39 -5.44 -12.81
C CYS A 71 -1.93 -6.64 -13.62
N TYR A 72 -0.68 -7.06 -13.44
CA TYR A 72 -0.15 -8.18 -14.21
C TYR A 72 -0.84 -9.49 -13.82
N LYS A 73 -1.00 -9.73 -12.52
CA LYS A 73 -1.63 -10.96 -12.07
C LYS A 73 -3.07 -11.07 -12.55
N ASN A 74 -3.81 -9.97 -12.44
CA ASN A 74 -5.24 -9.94 -12.81
C ASN A 74 -5.36 -9.60 -14.29
N GLY A 75 -4.90 -10.51 -15.12
CA GLY A 75 -4.98 -10.33 -16.56
C GLY A 75 -4.26 -9.09 -17.04
N GLY A 76 -4.87 -8.35 -17.95
CA GLY A 76 -4.28 -7.13 -18.46
C GLY A 76 -5.04 -5.88 -18.09
N GLY A 77 -5.83 -5.38 -19.04
CA GLY A 77 -6.65 -4.21 -18.80
C GLY A 77 -7.93 -4.47 -18.04
N ALA A 78 -8.24 -5.73 -17.76
CA ALA A 78 -9.37 -6.05 -16.91
C ALA A 78 -9.18 -5.53 -15.50
N PHE A 79 -7.96 -5.19 -15.10
CA PHE A 79 -7.71 -4.58 -13.80
C PHE A 79 -8.11 -3.12 -13.76
N LEU A 80 -8.21 -2.46 -14.92
CA LEU A 80 -8.37 -1.02 -14.95
C LEU A 80 -9.82 -0.59 -14.72
N ILE A 81 -10.78 -1.37 -15.22
CA ILE A 81 -12.19 -1.01 -15.06
C ILE A 81 -12.56 -0.99 -13.58
N PRO A 82 -12.33 -2.08 -12.81
CA PRO A 82 -12.54 -1.96 -11.36
C PRO A 82 -11.65 -0.93 -10.72
N TYR A 83 -10.44 -0.74 -11.24
CA TYR A 83 -9.53 0.27 -10.68
C TYR A 83 -10.19 1.65 -10.70
N PHE A 84 -10.68 2.08 -11.86
CA PHE A 84 -11.24 3.42 -11.97
C PHE A 84 -12.61 3.51 -11.31
N ILE A 85 -13.40 2.43 -11.38
CA ILE A 85 -14.69 2.44 -10.71
C ILE A 85 -14.49 2.66 -9.20
N PHE A 86 -13.58 1.90 -8.60
CA PHE A 86 -13.29 2.09 -7.19
C PHE A 86 -12.67 3.46 -6.93
N LEU A 87 -11.77 3.90 -7.81
CA LEU A 87 -11.09 5.18 -7.59
C LEU A 87 -12.06 6.33 -7.52
N PHE A 88 -13.06 6.34 -8.40
CA PHE A 88 -14.03 7.43 -8.42
C PHE A 88 -15.27 7.16 -7.57
N GLY A 89 -15.42 5.95 -7.03
CA GLY A 89 -16.56 5.69 -6.18
C GLY A 89 -16.25 5.71 -4.70
N SER A 90 -15.14 5.09 -4.31
CA SER A 90 -14.77 5.01 -2.91
C SER A 90 -13.40 5.64 -2.68
N GLY A 91 -12.47 5.43 -3.61
CA GLY A 91 -11.11 5.88 -3.45
C GLY A 91 -10.96 7.33 -3.05
N LEU A 92 -11.34 8.24 -3.94
CA LEU A 92 -11.33 9.66 -3.59
C LEU A 92 -12.30 10.00 -2.46
N PRO A 93 -13.55 9.50 -2.45
CA PRO A 93 -14.45 9.82 -1.33
C PRO A 93 -13.98 9.39 0.04
N VAL A 94 -13.46 8.16 0.20
CA VAL A 94 -12.99 7.73 1.51
C VAL A 94 -11.76 8.52 1.93
N PHE A 95 -10.88 8.82 0.98
CA PHE A 95 -9.70 9.63 1.27
C PHE A 95 -10.09 11.01 1.77
N PHE A 96 -11.01 11.67 1.07
CA PHE A 96 -11.46 12.98 1.50
C PHE A 96 -12.22 12.90 2.82
N LEU A 97 -13.00 11.84 3.03
CA LEU A 97 -13.70 11.68 4.29
C LEU A 97 -12.74 11.59 5.46
N GLU A 98 -11.67 10.80 5.30
CA GLU A 98 -10.68 10.70 6.35
C GLU A 98 -10.00 12.04 6.61
N ILE A 99 -9.61 12.74 5.54
CA ILE A 99 -8.96 14.03 5.70
C ILE A 99 -9.87 15.00 6.43
N ILE A 100 -11.14 15.05 6.03
CA ILE A 100 -12.05 16.06 6.58
C ILE A 100 -12.46 15.70 8.00
N ILE A 101 -12.48 14.41 8.35
CA ILE A 101 -12.74 14.03 9.73
C ILE A 101 -11.56 14.45 10.62
N GLY A 102 -10.35 14.17 10.15
CA GLY A 102 -9.18 14.61 10.89
C GLY A 102 -9.14 16.12 11.07
N GLN A 103 -9.55 16.85 10.03
CA GLN A 103 -9.53 18.31 10.11
C GLN A 103 -10.64 18.84 10.99
N TYR A 104 -11.82 18.23 10.92
CA TYR A 104 -12.97 18.67 11.71
C TYR A 104 -12.73 18.45 13.19
N THR A 105 -12.33 17.24 13.57
CA THR A 105 -12.13 16.94 14.97
C THR A 105 -10.76 17.35 15.49
N SER A 106 -9.79 17.55 14.59
CA SER A 106 -8.42 17.88 14.96
C SER A 106 -7.86 16.86 15.96
N GLU A 107 -8.16 15.59 15.72
CA GLU A 107 -7.72 14.50 16.57
C GLU A 107 -7.08 13.41 15.72
N GLY A 108 -6.40 12.50 16.39
CA GLY A 108 -5.69 11.43 15.72
C GLY A 108 -6.61 10.36 15.16
N GLY A 109 -6.03 9.18 14.96
CA GLY A 109 -6.78 8.10 14.35
C GLY A 109 -7.91 7.59 15.24
N ILE A 110 -7.63 7.40 16.52
CA ILE A 110 -8.59 6.73 17.39
C ILE A 110 -9.52 7.73 18.06
N THR A 111 -9.00 8.88 18.49
CA THR A 111 -9.81 9.82 19.24
C THR A 111 -10.82 10.53 18.36
N CYS A 112 -10.52 10.66 17.07
CA CYS A 112 -11.46 11.28 16.14
C CYS A 112 -12.76 10.50 16.07
N TRP A 113 -12.66 9.17 16.03
CA TRP A 113 -13.85 8.35 16.01
C TRP A 113 -14.59 8.44 17.34
N GLU A 114 -13.86 8.61 18.44
CA GLU A 114 -14.51 8.83 19.72
C GLU A 114 -15.33 10.12 19.71
N LYS A 115 -14.81 11.16 19.05
CA LYS A 115 -15.59 12.39 18.92
C LYS A 115 -16.79 12.21 18.00
N ILE A 116 -16.59 11.55 16.85
CA ILE A 116 -17.67 11.42 15.86
C ILE A 116 -18.75 10.48 16.37
N CYS A 117 -18.35 9.30 16.85
CA CYS A 117 -19.29 8.30 17.32
C CYS A 117 -18.61 7.39 18.34
N PRO A 118 -18.96 7.50 19.62
CA PRO A 118 -18.30 6.63 20.62
C PRO A 118 -18.45 5.15 20.32
N LEU A 119 -19.62 4.72 19.86
CA LEU A 119 -19.75 3.38 19.31
C LEU A 119 -19.11 3.34 17.92
N PHE A 120 -18.75 2.14 17.48
CA PHE A 120 -17.96 1.96 16.27
C PHE A 120 -16.62 2.66 16.36
N SER A 121 -16.11 2.87 17.59
CA SER A 121 -14.80 3.44 17.80
C SER A 121 -13.69 2.43 17.60
N GLY A 122 -14.03 1.16 17.35
CA GLY A 122 -13.01 0.16 17.09
C GLY A 122 -12.36 0.30 15.74
N ILE A 123 -12.83 1.24 14.92
CA ILE A 123 -12.20 1.50 13.63
C ILE A 123 -10.76 1.96 13.83
N GLY A 124 -10.51 2.76 14.87
CA GLY A 124 -9.15 3.18 15.15
C GLY A 124 -8.24 2.03 15.51
N TYR A 125 -8.73 1.11 16.34
CA TYR A 125 -7.93 -0.06 16.72
C TYR A 125 -7.71 -0.97 15.52
N ALA A 126 -8.72 -1.13 14.67
CA ALA A 126 -8.54 -1.90 13.44
C ALA A 126 -7.48 -1.27 12.56
N SER A 127 -7.49 0.05 12.44
CA SER A 127 -6.46 0.74 11.66
C SER A 127 -5.09 0.54 12.26
N VAL A 128 -4.99 0.56 13.60
CA VAL A 128 -3.69 0.35 14.25
C VAL A 128 -3.16 -1.04 13.96
N VAL A 129 -4.02 -2.05 14.03
CA VAL A 129 -3.58 -3.42 13.73
C VAL A 129 -3.17 -3.53 12.27
N ILE A 130 -3.95 -2.92 11.37
CA ILE A 130 -3.63 -2.98 9.95
C ILE A 130 -2.26 -2.34 9.69
N VAL A 131 -2.02 -1.18 10.30
CA VAL A 131 -0.77 -0.47 10.04
C VAL A 131 0.39 -1.19 10.70
N SER A 132 0.15 -1.90 11.81
CA SER A 132 1.22 -2.68 12.42
C SER A 132 1.65 -3.82 11.51
N LEU A 133 0.68 -4.57 10.99
CA LEU A 133 1.03 -5.66 10.06
C LEU A 133 1.66 -5.11 8.78
N LEU A 134 1.17 -3.96 8.31
CA LEU A 134 1.75 -3.34 7.12
C LEU A 134 3.19 -2.94 7.37
N ASN A 135 3.50 -2.41 8.55
CA ASN A 135 4.89 -2.07 8.86
C ASN A 135 5.74 -3.31 8.98
N VAL A 136 5.16 -4.41 9.47
CA VAL A 136 5.94 -5.65 9.55
C VAL A 136 6.33 -6.13 8.16
N TYR A 137 5.40 -6.13 7.20
CA TYR A 137 5.72 -6.72 5.91
C TYR A 137 6.16 -5.72 4.85
N TYR A 138 6.15 -4.42 5.14
CA TYR A 138 6.48 -3.42 4.13
C TYR A 138 7.98 -3.16 4.07
N ILE A 139 8.68 -3.35 5.17
CA ILE A 139 10.11 -3.09 5.19
C ILE A 139 10.88 -4.19 4.47
N VAL A 140 10.24 -5.32 4.17
CA VAL A 140 10.89 -6.39 3.43
C VAL A 140 11.14 -5.95 1.99
N ILE A 141 10.24 -5.16 1.43
CA ILE A 141 10.47 -4.60 0.10
C ILE A 141 11.73 -3.76 0.11
N LEU A 142 11.93 -2.97 1.16
CA LEU A 142 13.14 -2.15 1.27
C LEU A 142 14.36 -3.02 1.50
N ALA A 143 14.19 -4.17 2.17
CA ALA A 143 15.30 -5.12 2.29
C ALA A 143 15.72 -5.64 0.92
N TRP A 144 14.76 -6.01 0.09
CA TRP A 144 15.08 -6.46 -1.26
C TRP A 144 15.73 -5.34 -2.07
N ALA A 145 15.21 -4.12 -1.95
CA ALA A 145 15.78 -2.99 -2.68
C ALA A 145 17.22 -2.72 -2.23
N THR A 146 17.47 -2.81 -0.92
CA THR A 146 18.83 -2.62 -0.41
C THR A 146 19.76 -3.71 -0.92
N TYR A 147 19.29 -4.95 -0.96
CA TYR A 147 20.12 -6.03 -1.48
C TYR A 147 20.46 -5.80 -2.94
N TYR A 148 19.47 -5.42 -3.75
CA TYR A 148 19.72 -5.14 -5.16
C TYR A 148 20.68 -3.97 -5.33
N LEU A 149 20.50 -2.92 -4.53
CA LEU A 149 21.38 -1.75 -4.61
C LEU A 149 22.81 -2.12 -4.27
N PHE A 150 23.01 -2.94 -3.24
CA PHE A 150 24.36 -3.36 -2.88
C PHE A 150 24.95 -4.28 -3.94
N GLN A 151 24.11 -5.09 -4.59
CA GLN A 151 24.60 -5.94 -5.67
C GLN A 151 24.90 -5.15 -6.94
N SER A 152 24.36 -3.95 -7.07
CA SER A 152 24.60 -3.14 -8.27
C SER A 152 25.90 -2.36 -8.21
N PHE A 153 26.65 -2.44 -7.12
CA PHE A 153 27.91 -1.70 -6.98
C PHE A 153 29.07 -2.57 -7.47
N GLN A 154 28.96 -3.03 -8.72
CA GLN A 154 30.02 -3.82 -9.32
C GLN A 154 30.02 -3.57 -10.82
N LYS A 155 31.11 -3.99 -11.46
CA LYS A 155 31.35 -3.62 -12.86
C LYS A 155 30.26 -4.17 -13.77
N GLU A 156 29.81 -5.39 -13.52
CA GLU A 156 28.85 -6.06 -14.40
C GLU A 156 27.64 -6.46 -13.56
N LEU A 157 26.46 -6.04 -13.99
CA LEU A 157 25.25 -6.31 -13.23
C LEU A 157 25.05 -7.83 -13.13
N PRO A 158 24.78 -8.36 -11.94
CA PRO A 158 24.71 -9.82 -11.78
C PRO A 158 23.55 -10.46 -12.51
N TRP A 159 22.51 -9.71 -12.88
CA TRP A 159 21.36 -10.28 -13.56
C TRP A 159 21.42 -10.08 -15.07
N ALA A 160 22.49 -9.49 -15.60
CA ALA A 160 22.57 -9.27 -17.04
C ALA A 160 22.81 -10.57 -17.79
N HIS A 161 23.76 -11.37 -17.32
CA HIS A 161 24.05 -12.66 -17.93
C HIS A 161 23.92 -13.75 -16.88
N CYS A 162 23.69 -14.98 -17.35
CA CYS A 162 23.56 -16.12 -16.45
C CYS A 162 24.66 -17.13 -16.74
N ASN A 163 25.76 -17.01 -15.99
CA ASN A 163 26.83 -18.00 -15.96
C ASN A 163 27.36 -18.18 -14.55
N HIS A 164 26.63 -17.70 -13.55
CA HIS A 164 27.12 -17.64 -12.18
C HIS A 164 26.82 -18.94 -11.43
N SER A 165 27.24 -18.98 -10.17
CA SER A 165 27.14 -20.19 -9.38
C SER A 165 25.69 -20.58 -9.13
N TRP A 166 24.84 -19.59 -8.83
CA TRP A 166 23.47 -19.87 -8.42
C TRP A 166 22.57 -20.27 -9.58
N ASN A 167 23.09 -20.29 -10.80
CA ASN A 167 22.24 -20.33 -11.97
C ASN A 167 22.01 -21.75 -12.46
N THR A 168 20.74 -22.09 -12.66
CA THR A 168 20.38 -23.42 -13.14
C THR A 168 20.89 -23.62 -14.57
N PRO A 169 21.31 -24.84 -14.92
CA PRO A 169 21.82 -25.08 -16.28
C PRO A 169 20.81 -24.78 -17.37
N HIS A 170 19.52 -24.78 -17.03
CA HIS A 170 18.46 -24.49 -17.99
C HIS A 170 18.41 -23.04 -18.41
N CYS A 171 19.12 -22.14 -17.75
CA CYS A 171 19.06 -20.73 -18.11
C CYS A 171 19.72 -20.48 -19.46
N MET A 172 19.17 -19.52 -20.20
CA MET A 172 19.75 -19.06 -21.45
C MET A 172 19.55 -17.56 -21.52
N GLU A 173 20.47 -16.87 -22.21
CA GLU A 173 20.39 -15.43 -22.29
C GLU A 173 19.11 -15.01 -23.02
N ASP A 174 18.55 -13.87 -22.60
CA ASP A 174 17.30 -13.40 -23.17
C ASP A 174 17.43 -13.14 -24.67
N THR A 175 18.55 -12.56 -25.09
CA THR A 175 18.73 -12.26 -26.50
C THR A 175 18.80 -13.53 -27.33
N MET A 176 19.40 -14.60 -26.80
CA MET A 176 19.64 -15.79 -27.60
C MET A 176 18.53 -16.82 -27.51
N ARG A 177 17.47 -16.58 -26.72
CA ARG A 177 16.37 -17.53 -26.67
C ARG A 177 15.68 -17.66 -28.02
N LYS A 178 15.44 -16.53 -28.69
CA LYS A 178 14.85 -16.53 -30.02
C LYS A 178 15.86 -16.31 -31.14
N ASN A 179 17.08 -15.85 -30.80
CA ASN A 179 18.10 -15.67 -31.82
C ASN A 179 18.46 -16.99 -32.48
N LYS A 180 18.56 -18.05 -31.69
CA LYS A 180 18.79 -19.40 -32.18
C LYS A 180 17.49 -20.19 -32.07
N SER A 188 16.49 -29.41 -22.62
CA SER A 188 16.39 -28.02 -23.17
C SER A 188 14.93 -27.72 -23.53
N THR A 189 13.98 -28.43 -22.92
CA THR A 189 12.55 -28.22 -23.22
C THR A 189 12.17 -26.81 -22.87
N ASN A 190 12.58 -26.34 -21.67
CA ASN A 190 12.24 -24.96 -21.22
C ASN A 190 13.51 -24.22 -20.83
N PHE A 191 13.53 -22.90 -21.03
CA PHE A 191 14.71 -22.08 -20.64
C PHE A 191 14.25 -21.01 -19.63
N THR A 192 15.18 -20.47 -18.84
CA THR A 192 14.79 -19.48 -17.81
C THR A 192 15.54 -18.19 -18.05
N SER A 193 14.90 -17.05 -17.83
CA SER A 193 15.56 -15.72 -18.00
C SER A 193 16.53 -15.48 -16.83
N PRO A 194 17.75 -14.96 -17.09
CA PRO A 194 18.70 -14.67 -16.02
C PRO A 194 18.12 -13.75 -14.96
N VAL A 195 17.29 -12.78 -15.36
CA VAL A 195 16.70 -11.82 -14.40
C VAL A 195 15.83 -12.60 -13.40
N ILE A 196 14.95 -13.47 -13.90
CA ILE A 196 14.04 -14.25 -13.01
C ILE A 196 14.89 -15.18 -12.13
N GLU A 197 15.91 -15.82 -12.72
CA GLU A 197 16.80 -16.72 -11.93
C GLU A 197 17.39 -15.93 -10.76
N PHE A 198 18.01 -14.78 -11.02
CA PHE A 198 18.68 -14.01 -9.94
C PHE A 198 17.66 -13.72 -8.85
N TRP A 199 16.42 -13.40 -9.23
CA TRP A 199 15.39 -13.04 -8.23
C TRP A 199 15.01 -14.25 -7.38
N GLU A 200 14.78 -15.42 -7.99
CA GLU A 200 14.30 -16.59 -7.22
C GLU A 200 15.45 -17.48 -6.73
N ARG A 201 16.67 -17.25 -7.23
CA ARG A 201 17.81 -18.13 -6.85
C ARG A 201 18.76 -17.38 -5.91
N ASN A 202 19.11 -16.14 -6.24
CA ASN A 202 20.10 -15.39 -5.42
C ASN A 202 19.36 -14.55 -4.37
N VAL A 203 18.40 -13.73 -4.79
CA VAL A 203 17.72 -12.80 -3.84
C VAL A 203 16.80 -13.58 -2.89
N LEU A 204 15.93 -14.45 -3.42
CA LEU A 204 14.92 -15.12 -2.55
C LEU A 204 15.32 -16.56 -2.20
N SER A 205 16.14 -17.22 -3.03
CA SER A 205 16.44 -18.66 -2.77
C SER A 205 15.09 -19.35 -2.54
N LEU A 206 14.16 -19.22 -3.49
CA LEU A 206 12.78 -19.76 -3.31
C LEU A 206 12.76 -21.24 -2.91
N SER A 207 12.14 -21.57 -1.78
CA SER A 207 11.95 -22.94 -1.35
C SER A 207 10.70 -23.53 -1.98
N PRO A 208 10.55 -24.86 -1.97
CA PRO A 208 9.38 -25.46 -2.60
C PRO A 208 8.04 -25.01 -2.03
N GLY A 209 7.99 -24.62 -0.76
CA GLY A 209 6.71 -24.20 -0.21
C GLY A 209 6.87 -23.44 1.10
N ILE A 210 5.75 -22.91 1.58
CA ILE A 210 5.76 -22.19 2.85
C ILE A 210 6.06 -23.14 4.00
N ASP A 211 5.68 -24.40 3.88
CA ASP A 211 5.95 -25.37 4.94
C ASP A 211 7.42 -25.73 5.04
N HIS A 212 8.24 -25.29 4.09
CA HIS A 212 9.69 -25.48 4.13
C HIS A 212 10.38 -24.12 4.25
N PRO A 213 10.43 -23.53 5.44
CA PRO A 213 11.05 -22.21 5.57
C PRO A 213 12.52 -22.19 5.19
N GLY A 214 13.24 -23.28 5.42
CA GLY A 214 14.64 -23.35 5.10
C GLY A 214 15.48 -22.46 6.00
N SER A 215 16.79 -22.50 5.78
CA SER A 215 17.70 -21.70 6.57
C SER A 215 17.53 -20.22 6.27
N LEU A 216 17.73 -19.40 7.30
CA LEU A 216 17.55 -17.96 7.15
C LEU A 216 18.58 -17.39 6.17
N LYS A 217 18.19 -16.36 5.43
CA LYS A 217 19.08 -15.69 4.50
C LYS A 217 19.81 -14.58 5.25
N TRP A 218 21.07 -14.82 5.60
CA TRP A 218 21.81 -13.87 6.42
C TRP A 218 22.12 -12.59 5.66
N ASP A 219 22.15 -12.64 4.33
CA ASP A 219 22.41 -11.43 3.56
C ASP A 219 21.17 -10.54 3.52
N LEU A 220 19.98 -11.13 3.43
CA LEU A 220 18.76 -10.34 3.47
C LEU A 220 18.42 -9.93 4.90
N ALA A 221 18.79 -10.74 5.89
CA ALA A 221 18.50 -10.39 7.28
C ALA A 221 19.24 -9.12 7.68
N LEU A 222 20.49 -8.97 7.25
CA LEU A 222 21.21 -7.73 7.50
C LEU A 222 20.62 -6.57 6.73
N CYS A 223 20.24 -6.79 5.47
CA CYS A 223 19.60 -5.74 4.69
C CYS A 223 18.27 -5.34 5.31
N LEU A 224 17.59 -6.29 5.96
CA LEU A 224 16.39 -5.96 6.73
C LEU A 224 16.75 -5.21 8.01
N LEU A 225 17.89 -5.53 8.62
CA LEU A 225 18.29 -4.85 9.84
C LEU A 225 18.71 -3.42 9.56
N LEU A 226 19.40 -3.19 8.44
CA LEU A 226 19.89 -1.84 8.13
C LEU A 226 18.74 -0.87 7.94
N VAL A 227 17.68 -1.29 7.25
CA VAL A 227 16.57 -0.39 7.00
C VAL A 227 15.74 -0.19 8.27
N TRP A 228 15.81 -1.11 9.23
CA TRP A 228 15.12 -0.90 10.50
C TRP A 228 15.89 0.08 11.39
N LEU A 229 17.22 0.00 11.39
CA LEU A 229 18.00 0.99 12.12
C LEU A 229 17.82 2.37 11.53
N VAL A 230 17.74 2.47 10.21
CA VAL A 230 17.48 3.76 9.56
C VAL A 230 16.13 4.29 10.00
N CYS A 231 15.11 3.43 10.02
CA CYS A 231 13.80 3.85 10.52
C CYS A 231 13.86 4.20 12.00
N PHE A 232 14.59 3.41 12.79
CA PHE A 232 14.67 3.68 14.22
C PHE A 232 15.41 4.97 14.50
N PHE A 233 16.57 5.17 13.87
CA PHE A 233 17.36 6.36 14.16
C PHE A 233 16.66 7.63 13.70
N CYS A 234 16.01 7.59 12.53
CA CYS A 234 15.33 8.78 12.03
C CYS A 234 14.14 9.14 12.90
N ILE A 235 13.38 8.14 13.36
CA ILE A 235 12.22 8.42 14.20
C ILE A 235 12.65 8.87 15.59
N TRP A 236 13.69 8.24 16.15
CA TRP A 236 14.14 8.60 17.49
C TRP A 236 14.69 10.02 17.52
N LYS A 237 15.45 10.40 16.49
CA LYS A 237 16.05 11.73 16.43
C LYS A 237 15.11 12.78 15.86
N GLY A 238 13.89 12.40 15.49
CA GLY A 238 12.95 13.36 14.91
C GLY A 238 13.37 13.91 13.57
N VAL A 239 14.03 13.09 12.74
CA VAL A 239 14.38 13.53 11.40
C VAL A 239 13.14 13.54 10.51
N ARG A 240 12.98 14.59 9.73
CA ARG A 240 11.86 14.67 8.81
C ARG A 240 11.96 13.57 7.76
N SER A 241 10.80 13.18 7.22
CA SER A 241 10.78 12.13 6.21
C SER A 241 11.57 12.54 4.98
N THR A 242 11.40 13.77 4.52
CA THR A 242 12.14 14.30 3.38
C THR A 242 13.45 14.90 3.87
N GLY A 243 14.56 14.33 3.42
CA GLY A 243 15.87 14.75 3.88
C GLY A 243 16.27 16.08 3.28
N LYS A 244 16.62 17.03 4.15
CA LYS A 244 17.04 18.37 3.75
C LYS A 244 16.01 19.01 2.82
N VAL A 245 16.44 19.41 1.62
CA VAL A 245 15.53 20.03 0.66
C VAL A 245 14.54 19.00 0.15
N VAL A 246 13.27 19.39 0.06
CA VAL A 246 12.23 18.48 -0.39
C VAL A 246 12.27 18.30 -1.90
N TYR A 247 12.94 19.19 -2.63
CA TYR A 247 12.99 19.13 -4.09
C TYR A 247 13.54 17.80 -4.58
N PHE A 248 14.73 17.42 -4.09
CA PHE A 248 15.33 16.16 -4.52
C PHE A 248 14.49 14.97 -4.07
N THR A 249 13.90 15.04 -2.88
CA THR A 249 13.12 13.92 -2.38
C THR A 249 11.85 13.72 -3.20
N ALA A 250 11.40 14.73 -3.93
CA ALA A 250 10.16 14.65 -4.69
C ALA A 250 10.38 14.61 -6.19
N THR A 251 11.32 15.40 -6.71
CA THR A 251 11.54 15.44 -8.15
C THR A 251 12.25 14.18 -8.65
N PHE A 252 13.16 13.64 -7.84
CA PHE A 252 13.92 12.46 -8.25
C PHE A 252 13.04 11.25 -8.56
N PRO A 253 12.00 10.90 -7.76
CA PRO A 253 11.14 9.78 -8.14
C PRO A 253 10.48 9.99 -9.49
N PHE A 254 10.10 11.23 -9.81
CA PHE A 254 9.47 11.49 -11.11
C PHE A 254 10.49 11.46 -12.23
N ALA A 255 11.69 12.01 -12.00
CA ALA A 255 12.70 12.05 -13.04
C ALA A 255 13.12 10.63 -13.45
N MET A 256 13.32 9.76 -12.47
CA MET A 256 13.70 8.38 -12.78
C MET A 256 12.57 7.63 -13.47
N LEU A 257 11.33 7.86 -13.04
CA LEU A 257 10.19 7.21 -13.69
C LEU A 257 10.04 7.67 -15.13
N LEU A 258 10.28 8.95 -15.39
CA LEU A 258 10.23 9.45 -16.76
C LEU A 258 11.31 8.78 -17.61
N VAL A 259 12.52 8.64 -17.07
CA VAL A 259 13.61 8.02 -17.82
C VAL A 259 13.28 6.56 -18.12
N LEU A 260 12.75 5.85 -17.13
CA LEU A 260 12.34 4.47 -17.36
C LEU A 260 11.18 4.39 -18.34
N LEU A 261 10.25 5.34 -18.26
CA LEU A 261 9.13 5.37 -19.20
C LEU A 261 9.62 5.61 -20.62
N VAL A 262 10.57 6.53 -20.79
CA VAL A 262 11.13 6.79 -22.12
C VAL A 262 11.83 5.55 -22.64
N ARG A 263 12.61 4.89 -21.79
CA ARG A 263 13.31 3.68 -22.20
C ARG A 263 12.34 2.58 -22.58
N GLY A 264 11.26 2.42 -21.79
CA GLY A 264 10.33 1.32 -22.05
C GLY A 264 9.61 1.45 -23.37
N LEU A 265 9.17 2.67 -23.70
CA LEU A 265 8.33 2.86 -24.88
C LEU A 265 9.12 2.64 -26.16
N THR A 266 10.42 2.94 -26.15
CA THR A 266 11.21 2.81 -27.37
C THR A 266 11.68 1.38 -27.61
N LEU A 267 11.41 0.48 -26.67
CA LEU A 267 11.80 -0.91 -26.85
C LEU A 267 10.97 -1.53 -27.97
N PRO A 268 11.52 -2.49 -28.72
CA PRO A 268 10.80 -3.01 -29.89
C PRO A 268 9.46 -3.64 -29.58
N GLY A 269 9.33 -4.31 -28.44
CA GLY A 269 8.09 -4.98 -28.12
C GLY A 269 7.10 -4.19 -27.30
N ALA A 270 7.32 -2.89 -27.12
CA ALA A 270 6.45 -2.10 -26.26
C ALA A 270 5.04 -1.98 -26.80
N GLY A 271 4.84 -2.14 -28.11
CA GLY A 271 3.50 -2.00 -28.67
C GLY A 271 2.56 -3.08 -28.18
N ALA A 272 3.02 -4.33 -28.18
CA ALA A 272 2.18 -5.43 -27.74
C ALA A 272 2.02 -5.43 -26.23
N GLY A 273 2.98 -4.86 -25.51
CA GLY A 273 2.86 -4.77 -24.06
C GLY A 273 1.75 -3.84 -23.63
N ILE A 274 1.62 -2.69 -24.30
CA ILE A 274 0.60 -1.72 -23.92
C ILE A 274 -0.78 -2.23 -24.27
N LYS A 275 -0.93 -2.89 -25.43
CA LYS A 275 -2.22 -3.48 -25.77
C LYS A 275 -2.66 -4.48 -24.72
N PHE A 276 -1.71 -5.20 -24.12
CA PHE A 276 -2.01 -6.02 -22.96
C PHE A 276 -2.43 -5.16 -21.78
N TYR A 277 -1.77 -4.02 -21.58
CA TYR A 277 -2.07 -3.15 -20.45
C TYR A 277 -3.48 -2.56 -20.58
N LEU A 278 -3.82 -2.04 -21.77
CA LEU A 278 -5.00 -1.21 -21.89
C LEU A 278 -6.25 -1.99 -22.27
N TYR A 279 -6.17 -2.83 -23.29
CA TYR A 279 -7.37 -3.47 -23.80
C TYR A 279 -7.89 -4.49 -22.79
N PRO A 280 -9.11 -4.34 -22.30
CA PRO A 280 -9.59 -5.19 -21.21
C PRO A 280 -10.02 -6.56 -21.69
N ASP A 281 -10.18 -7.46 -20.72
CA ASP A 281 -10.67 -8.82 -20.94
C ASP A 281 -11.90 -9.00 -20.07
N ILE A 282 -13.08 -9.02 -20.71
CA ILE A 282 -14.33 -9.02 -19.95
C ILE A 282 -14.51 -10.31 -19.17
N THR A 283 -14.06 -11.44 -19.72
CA THR A 283 -14.21 -12.71 -19.01
C THR A 283 -13.46 -12.71 -17.69
N ARG A 284 -12.45 -11.85 -17.56
CA ARG A 284 -11.76 -11.70 -16.29
C ARG A 284 -12.63 -10.97 -15.27
N LEU A 285 -13.54 -10.12 -15.73
CA LEU A 285 -14.38 -9.37 -14.81
C LEU A 285 -15.40 -10.26 -14.10
N GLU A 286 -15.62 -11.46 -14.63
CA GLU A 286 -16.47 -12.42 -13.91
C GLU A 286 -15.82 -12.85 -12.61
N ASP A 287 -14.49 -12.98 -12.60
CA ASP A 287 -13.78 -13.33 -11.38
C ASP A 287 -13.95 -12.21 -10.36
N PRO A 288 -14.37 -12.52 -9.13
CA PRO A 288 -14.52 -11.47 -8.12
C PRO A 288 -13.22 -11.07 -7.47
N GLN A 289 -12.11 -11.71 -7.82
CA GLN A 289 -10.82 -11.36 -7.21
C GLN A 289 -10.26 -10.08 -7.81
N VAL A 290 -10.50 -9.84 -9.09
CA VAL A 290 -9.96 -8.64 -9.73
C VAL A 290 -10.56 -7.39 -9.12
N TRP A 291 -11.83 -7.45 -8.71
CA TRP A 291 -12.45 -6.31 -8.04
C TRP A 291 -11.82 -6.08 -6.68
N ILE A 292 -11.55 -7.15 -5.94
CA ILE A 292 -10.89 -7.01 -4.64
C ILE A 292 -9.49 -6.45 -4.80
N ASP A 293 -8.73 -6.96 -5.78
CA ASP A 293 -7.37 -6.50 -6.00
C ASP A 293 -7.36 -5.03 -6.43
N ALA A 294 -8.28 -4.65 -7.31
CA ALA A 294 -8.33 -3.26 -7.78
C ALA A 294 -8.88 -2.34 -6.71
N GLY A 295 -9.89 -2.81 -5.96
CA GLY A 295 -10.48 -1.96 -4.94
C GLY A 295 -9.52 -1.62 -3.83
N THR A 296 -8.81 -2.62 -3.31
CA THR A 296 -7.89 -2.38 -2.21
C THR A 296 -6.55 -1.83 -2.66
N GLN A 297 -6.25 -1.88 -3.97
CA GLN A 297 -5.05 -1.22 -4.46
C GLN A 297 -5.19 0.29 -4.38
N ILE A 298 -6.40 0.80 -4.63
CA ILE A 298 -6.67 2.21 -4.37
C ILE A 298 -6.47 2.54 -2.91
N PHE A 299 -6.99 1.68 -2.02
CA PHE A 299 -6.88 1.94 -0.59
C PHE A 299 -5.44 1.84 -0.13
N PHE A 300 -4.68 0.91 -0.70
CA PHE A 300 -3.27 0.78 -0.33
C PHE A 300 -2.47 1.99 -0.80
N SER A 301 -2.71 2.45 -2.03
CA SER A 301 -1.97 3.59 -2.55
C SER A 301 -2.27 4.86 -1.76
N TYR A 302 -3.53 5.08 -1.39
CA TYR A 302 -3.94 6.28 -0.69
C TYR A 302 -3.65 6.24 0.80
N ALA A 303 -3.22 5.09 1.32
CA ALA A 303 -2.97 4.92 2.75
C ALA A 303 -4.19 5.29 3.58
N ILE A 304 -5.36 4.92 3.09
CA ILE A 304 -6.59 5.13 3.84
C ILE A 304 -6.92 3.85 4.60
N CYS A 305 -7.81 3.98 5.58
CA CYS A 305 -8.14 2.93 6.54
C CYS A 305 -6.96 2.58 7.44
N LEU A 306 -5.89 3.37 7.37
CA LEU A 306 -4.71 3.18 8.20
C LEU A 306 -4.64 4.13 9.39
N GLY A 307 -5.48 5.16 9.44
CA GLY A 307 -5.35 6.19 10.43
C GLY A 307 -4.30 7.23 10.09
N ALA A 308 -3.61 7.07 8.96
CA ALA A 308 -2.58 8.04 8.59
C ALA A 308 -3.20 9.32 8.05
N MET A 309 -4.26 9.21 7.25
CA MET A 309 -4.82 10.40 6.63
C MET A 309 -5.63 11.23 7.62
N THR A 310 -6.19 10.59 8.64
CA THR A 310 -6.85 11.34 9.70
C THR A 310 -5.85 12.24 10.43
N SER A 311 -4.69 11.68 10.76
CA SER A 311 -3.65 12.48 11.41
C SER A 311 -3.10 13.53 10.46
N LEU A 312 -3.00 13.19 9.16
CA LEU A 312 -2.56 14.17 8.17
C LEU A 312 -3.56 15.32 8.08
N GLY A 313 -4.85 15.01 8.14
CA GLY A 313 -5.85 16.06 8.10
C GLY A 313 -5.91 16.88 9.36
N SER A 314 -5.40 16.35 10.48
CA SER A 314 -5.46 17.07 11.74
C SER A 314 -4.63 18.34 11.69
N TYR A 315 -3.47 18.29 11.02
CA TYR A 315 -2.58 19.45 10.98
C TYR A 315 -3.15 20.56 10.12
N ASN A 316 -4.11 20.25 9.25
CA ASN A 316 -4.75 21.27 8.44
C ASN A 316 -5.50 22.26 9.33
N LYS A 317 -5.52 23.51 8.92
CA LYS A 317 -6.30 24.50 9.64
C LYS A 317 -7.79 24.23 9.45
N TYR A 318 -8.61 24.81 10.33
CA TYR A 318 -10.05 24.62 10.22
C TYR A 318 -10.58 25.19 8.92
N LYS A 319 -10.15 26.41 8.56
CA LYS A 319 -10.58 27.06 7.33
C LYS A 319 -9.53 26.80 6.26
N TYR A 320 -9.62 25.64 5.63
CA TYR A 320 -8.63 25.24 4.64
C TYR A 320 -9.31 24.37 3.60
N ASN A 321 -9.15 24.75 2.33
CA ASN A 321 -9.81 24.05 1.22
C ASN A 321 -9.13 22.71 0.96
N SER A 322 -9.30 21.79 1.91
CA SER A 322 -8.73 20.46 1.76
C SER A 322 -9.44 19.66 0.69
N TYR A 323 -10.58 20.13 0.20
CA TYR A 323 -11.26 19.46 -0.90
C TYR A 323 -10.40 19.45 -2.16
N ARG A 324 -9.78 20.59 -2.46
CA ARG A 324 -8.91 20.66 -3.64
C ARG A 324 -7.69 19.76 -3.47
N ASP A 325 -7.14 19.70 -2.26
CA ASP A 325 -5.94 18.89 -2.03
C ASP A 325 -6.22 17.41 -2.22
N CYS A 326 -7.36 16.94 -1.70
CA CYS A 326 -7.67 15.52 -1.83
C CYS A 326 -7.88 15.12 -3.28
N MET A 327 -8.53 15.98 -4.06
CA MET A 327 -8.71 15.70 -5.48
C MET A 327 -7.39 15.77 -6.23
N LEU A 328 -6.56 16.76 -5.91
CA LEU A 328 -5.30 16.95 -6.61
C LEU A 328 -4.31 15.84 -6.29
N LEU A 329 -4.13 15.54 -5.00
CA LEU A 329 -3.26 14.43 -4.62
C LEU A 329 -3.80 13.11 -5.11
N GLY A 330 -5.12 12.91 -5.02
CA GLY A 330 -5.70 11.65 -5.43
C GLY A 330 -5.50 11.37 -6.91
N CYS A 331 -5.68 12.39 -7.74
CA CYS A 331 -5.47 12.20 -9.18
C CYS A 331 -4.00 12.04 -9.51
N LEU A 332 -3.13 12.78 -8.82
CA LEU A 332 -1.70 12.64 -9.04
C LEU A 332 -1.20 11.28 -8.57
N ASN A 333 -1.72 10.79 -7.44
CA ASN A 333 -1.30 9.49 -6.93
C ASN A 333 -1.75 8.37 -7.85
N SER A 334 -3.02 8.40 -8.26
CA SER A 334 -3.51 7.38 -9.18
C SER A 334 -3.01 7.62 -10.59
N GLY A 335 -2.69 8.87 -10.93
CA GLY A 335 -2.12 9.15 -12.23
C GLY A 335 -0.72 8.57 -12.38
N THR A 336 0.10 8.66 -11.33
CA THR A 336 1.43 8.10 -11.38
C THR A 336 1.38 6.59 -11.57
N SER A 337 0.45 5.92 -10.88
CA SER A 337 0.33 4.47 -11.03
C SER A 337 -0.01 4.11 -12.46
N PHE A 338 -0.93 4.85 -13.07
CA PHE A 338 -1.30 4.58 -14.46
C PHE A 338 -0.12 4.82 -15.39
N VAL A 339 0.60 5.93 -15.19
CA VAL A 339 1.72 6.27 -16.07
C VAL A 339 2.87 5.28 -15.86
N SER A 340 3.16 4.94 -14.60
CA SER A 340 4.23 3.98 -14.33
C SER A 340 3.91 2.62 -14.92
N GLY A 341 2.62 2.28 -15.02
CA GLY A 341 2.26 1.04 -15.66
C GLY A 341 2.67 0.98 -17.12
N PHE A 342 2.65 2.12 -17.81
CA PHE A 342 3.12 2.17 -19.18
C PHE A 342 4.60 1.80 -19.27
N ALA A 343 5.40 2.25 -18.30
CA ALA A 343 6.82 1.93 -18.30
C ALA A 343 7.06 0.43 -18.16
N ILE A 344 6.45 -0.18 -17.13
CA ILE A 344 6.77 -1.57 -16.82
C ILE A 344 6.13 -2.51 -17.85
N PHE A 345 4.91 -2.23 -18.30
CA PHE A 345 4.26 -3.14 -19.22
C PHE A 345 4.87 -3.06 -20.61
N SER A 346 5.56 -1.96 -20.92
CA SER A 346 6.33 -1.90 -22.15
C SER A 346 7.54 -2.82 -22.09
N ILE A 347 8.19 -2.89 -20.93
CA ILE A 347 9.33 -3.77 -20.75
C ILE A 347 8.90 -5.23 -20.86
N LEU A 348 7.76 -5.57 -20.25
CA LEU A 348 7.24 -6.93 -20.39
C LEU A 348 6.90 -7.22 -21.85
N GLY A 349 6.31 -6.24 -22.55
CA GLY A 349 6.06 -6.44 -23.97
C GLY A 349 7.32 -6.66 -24.76
N PHE A 350 8.39 -5.95 -24.40
CA PHE A 350 9.68 -6.19 -25.03
C PHE A 350 10.25 -7.54 -24.61
N MET A 351 10.13 -7.87 -23.32
CA MET A 351 10.65 -9.15 -22.83
C MET A 351 9.93 -10.32 -23.49
N ALA A 352 8.61 -10.25 -23.61
CA ALA A 352 7.84 -11.36 -24.12
C ALA A 352 8.17 -11.66 -25.58
N GLN A 353 8.32 -10.62 -26.40
CA GLN A 353 8.65 -10.86 -27.80
C GLN A 353 10.10 -11.26 -27.98
N GLU A 354 10.98 -10.85 -27.08
CA GLU A 354 12.38 -11.26 -27.17
C GLU A 354 12.54 -12.73 -26.83
N GLN A 355 11.80 -13.23 -25.84
CA GLN A 355 11.87 -14.61 -25.42
C GLN A 355 10.95 -15.52 -26.23
N GLY A 356 10.07 -14.96 -27.05
CA GLY A 356 9.12 -15.78 -27.79
C GLY A 356 8.09 -16.46 -26.92
N VAL A 357 7.63 -15.78 -25.87
CA VAL A 357 6.62 -16.31 -24.97
C VAL A 357 5.55 -15.24 -24.77
N ASP A 358 4.41 -15.66 -24.24
CA ASP A 358 3.29 -14.75 -24.02
C ASP A 358 3.65 -13.71 -22.97
N ILE A 359 3.00 -12.54 -23.08
CA ILE A 359 3.22 -11.48 -22.11
C ILE A 359 2.72 -11.90 -20.73
N ALA A 360 1.63 -12.67 -20.70
CA ALA A 360 1.08 -13.12 -19.43
C ALA A 360 1.95 -14.16 -18.73
N ASP A 361 2.92 -14.74 -19.42
CA ASP A 361 3.79 -15.75 -18.84
C ASP A 361 5.25 -15.44 -19.10
N VAL A 362 5.67 -14.19 -18.90
CA VAL A 362 7.07 -13.84 -19.12
C VAL A 362 7.76 -13.47 -17.81
N ALA A 363 7.01 -13.11 -16.79
CA ALA A 363 7.58 -12.69 -15.51
C ALA A 363 6.75 -13.32 -14.40
N GLU A 364 6.92 -12.81 -13.19
CA GLU A 364 6.27 -13.39 -12.01
C GLU A 364 4.95 -12.69 -11.74
N SER A 365 3.87 -13.46 -11.70
CA SER A 365 2.56 -12.95 -11.30
C SER A 365 2.47 -12.91 -9.77
N GLY A 366 3.25 -12.02 -9.19
CA GLY A 366 3.35 -11.89 -7.76
C GLY A 366 4.31 -10.76 -7.42
N PRO A 367 4.55 -10.53 -6.14
CA PRO A 367 5.49 -9.48 -5.77
C PRO A 367 6.86 -9.78 -6.33
N GLY A 368 7.56 -8.73 -6.76
CA GLY A 368 8.81 -8.90 -7.45
C GLY A 368 8.73 -8.77 -8.96
N LEU A 369 7.56 -8.44 -9.51
CA LEU A 369 7.51 -8.07 -10.91
C LEU A 369 8.31 -6.80 -11.16
N ALA A 370 8.23 -5.83 -10.24
CA ALA A 370 9.07 -4.65 -10.33
C ALA A 370 10.54 -4.96 -10.13
N PHE A 371 10.86 -6.14 -9.60
CA PHE A 371 12.23 -6.59 -9.46
C PHE A 371 12.68 -7.48 -10.61
N ILE A 372 11.81 -7.69 -11.60
CA ILE A 372 12.13 -8.48 -12.78
C ILE A 372 12.10 -7.62 -14.04
N ALA A 373 11.12 -6.72 -14.14
CA ALA A 373 11.04 -5.87 -15.31
C ALA A 373 11.98 -4.66 -15.22
N TYR A 374 11.92 -3.94 -14.11
CA TYR A 374 12.76 -2.75 -13.97
C TYR A 374 14.25 -3.07 -13.98
N PRO A 375 14.75 -4.07 -13.23
CA PRO A 375 16.16 -4.45 -13.41
C PRO A 375 16.49 -4.95 -14.81
N LYS A 376 15.49 -5.39 -15.57
CA LYS A 376 15.73 -5.74 -16.96
C LYS A 376 15.85 -4.50 -17.83
N ALA A 377 15.10 -3.45 -17.53
CA ALA A 377 15.17 -2.22 -18.31
C ALA A 377 16.54 -1.57 -18.20
N VAL A 378 17.10 -1.52 -16.98
CA VAL A 378 18.38 -0.88 -16.78
C VAL A 378 19.51 -1.64 -17.47
N THR A 379 19.27 -2.88 -17.88
CA THR A 379 20.27 -3.60 -18.66
C THR A 379 20.36 -3.06 -20.08
N MET A 380 19.28 -2.46 -20.57
CA MET A 380 19.20 -1.94 -21.94
C MET A 380 19.41 -0.42 -21.99
N MET A 381 20.26 0.12 -21.13
CA MET A 381 20.50 1.54 -21.03
C MET A 381 21.99 1.80 -21.08
N PRO A 382 22.41 2.97 -21.55
CA PRO A 382 23.83 3.33 -21.45
C PRO A 382 24.23 3.44 -19.98
N LEU A 383 25.44 2.93 -19.68
CA LEU A 383 25.93 2.81 -18.31
C LEU A 383 24.89 2.08 -17.47
N PRO A 384 24.71 0.77 -17.67
CA PRO A 384 23.66 0.05 -16.94
C PRO A 384 23.79 0.12 -15.43
N THR A 385 25.02 0.09 -14.91
CA THR A 385 25.22 0.11 -13.47
C THR A 385 24.80 1.45 -12.87
N PHE A 386 25.05 2.54 -13.60
CA PHE A 386 24.71 3.87 -13.09
C PHE A 386 23.21 4.01 -12.89
N TRP A 387 22.41 3.53 -13.85
CA TRP A 387 20.96 3.63 -13.71
C TRP A 387 20.44 2.62 -12.71
N SER A 388 21.14 1.49 -12.55
CA SER A 388 20.73 0.50 -11.57
C SER A 388 20.86 1.05 -10.15
N ILE A 389 21.93 1.79 -9.88
CA ILE A 389 22.11 2.39 -8.56
C ILE A 389 21.02 3.41 -8.29
N LEU A 390 20.75 4.29 -9.26
CA LEU A 390 19.77 5.35 -9.05
C LEU A 390 18.38 4.78 -8.83
N PHE A 391 18.02 3.74 -9.60
CA PHE A 391 16.68 3.19 -9.49
C PHE A 391 16.43 2.65 -8.09
N PHE A 392 17.37 1.89 -7.54
CA PHE A 392 17.15 1.26 -6.25
C PHE A 392 17.35 2.23 -5.09
N ILE A 393 18.01 3.37 -5.34
CA ILE A 393 17.97 4.45 -4.35
C ILE A 393 16.60 5.10 -4.34
N MET A 394 16.04 5.37 -5.52
CA MET A 394 14.69 5.92 -5.60
C MET A 394 13.68 4.95 -5.01
N LEU A 395 13.80 3.67 -5.37
CA LEU A 395 12.91 2.65 -4.83
C LEU A 395 13.07 2.55 -3.32
N LEU A 396 14.26 2.92 -2.82
CA LEU A 396 14.51 2.87 -1.38
C LEU A 396 14.04 4.13 -0.69
N LEU A 397 14.25 5.29 -1.30
CA LEU A 397 13.80 6.55 -0.72
C LEU A 397 12.27 6.59 -0.65
N LEU A 398 11.60 6.13 -1.70
CA LEU A 398 10.14 6.11 -1.72
C LEU A 398 9.59 5.26 -0.58
N GLY A 399 10.15 4.08 -0.39
CA GLY A 399 9.70 3.23 0.70
C GLY A 399 10.05 3.77 2.06
N LEU A 400 11.24 4.35 2.20
CA LEU A 400 11.68 4.86 3.49
C LEU A 400 10.78 5.99 3.97
N ASP A 401 10.42 6.91 3.07
CA ASP A 401 9.53 8.00 3.45
C ASP A 401 8.17 7.46 3.86
N SER A 402 7.66 6.48 3.13
CA SER A 402 6.39 5.86 3.49
C SER A 402 6.50 5.13 4.83
N GLN A 403 7.61 4.42 5.03
CA GLN A 403 7.79 3.68 6.27
C GLN A 403 7.98 4.61 7.47
N PHE A 404 8.64 5.75 7.24
CA PHE A 404 8.84 6.71 8.32
C PHE A 404 7.51 7.21 8.86
N VAL A 405 6.56 7.46 7.96
CA VAL A 405 5.28 8.03 8.36
C VAL A 405 4.46 7.02 9.16
N GLU A 406 4.41 5.78 8.68
CA GLU A 406 3.54 4.79 9.32
C GLU A 406 4.11 4.31 10.65
N VAL A 407 5.42 4.06 10.72
CA VAL A 407 6.00 3.59 11.96
C VAL A 407 5.89 4.66 13.04
N GLU A 408 6.15 5.91 12.68
CA GLU A 408 5.90 7.00 13.62
C GLU A 408 4.41 7.20 13.84
N GLY A 409 3.59 6.91 12.84
CA GLY A 409 2.16 7.08 12.98
C GLY A 409 1.55 6.12 13.98
N GLN A 410 1.95 4.85 13.93
CA GLN A 410 1.40 3.88 14.87
C GLN A 410 1.98 4.07 16.26
N ILE A 411 3.25 4.46 16.35
CA ILE A 411 3.86 4.73 17.65
C ILE A 411 3.17 5.90 18.33
N THR A 412 2.91 6.96 17.57
CA THR A 412 2.20 8.11 18.14
C THR A 412 0.82 7.70 18.62
N SER A 413 0.13 6.86 17.87
CA SER A 413 -1.16 6.33 18.34
C SER A 413 -0.98 5.48 19.58
N LEU A 414 0.06 4.64 19.60
CA LEU A 414 0.25 3.71 20.72
C LEU A 414 0.58 4.45 22.01
N VAL A 415 1.47 5.44 21.95
CA VAL A 415 1.86 6.15 23.17
C VAL A 415 0.68 6.98 23.68
N ASP A 416 -0.07 7.61 22.78
CA ASP A 416 -1.23 8.38 23.20
C ASP A 416 -2.38 7.47 23.63
N LEU A 417 -2.35 6.19 23.23
CA LEU A 417 -3.41 5.28 23.63
C LEU A 417 -3.26 4.85 25.08
N TYR A 418 -2.02 4.63 25.53
CA TYR A 418 -1.73 4.23 26.91
C TYR A 418 -0.73 5.21 27.51
N PRO A 419 -1.16 6.41 27.85
CA PRO A 419 -0.25 7.39 28.46
C PRO A 419 -0.03 7.05 29.94
N SER A 420 0.77 7.89 30.59
CA SER A 420 1.22 7.75 31.97
C SER A 420 2.18 6.57 32.14
N PHE A 421 2.39 5.78 31.10
CA PHE A 421 3.40 4.73 31.08
C PHE A 421 4.33 4.83 29.90
N LEU A 422 3.95 5.54 28.84
CA LEU A 422 4.77 5.72 27.65
C LEU A 422 5.12 7.20 27.50
N ARG A 423 5.31 7.88 28.63
CA ARG A 423 5.46 9.34 28.61
C ARG A 423 6.73 9.74 27.89
N LYS A 424 6.69 10.94 27.28
CA LYS A 424 7.77 11.43 26.44
C LYS A 424 9.07 11.55 27.22
N GLY A 425 10.10 10.82 26.80
CA GLY A 425 11.37 10.79 27.50
C GLY A 425 12.04 9.44 27.41
N TYR A 426 12.58 8.96 28.53
CA TYR A 426 13.25 7.66 28.54
C TYR A 426 12.29 6.54 28.17
N ARG A 427 11.05 6.61 28.66
CA ARG A 427 10.08 5.56 28.38
C ARG A 427 9.72 5.49 26.90
N ARG A 428 9.52 6.64 26.26
CA ARG A 428 9.15 6.64 24.85
C ARG A 428 10.31 6.16 23.98
N GLU A 429 11.54 6.57 24.29
CA GLU A 429 12.68 6.16 23.48
C GLU A 429 12.84 4.64 23.49
N ILE A 430 12.65 4.02 24.66
CA ILE A 430 12.68 2.56 24.72
C ILE A 430 11.53 1.98 23.91
N PHE A 431 10.36 2.63 23.92
CA PHE A 431 9.23 2.13 23.16
C PHE A 431 9.49 2.24 21.66
N ILE A 432 10.27 3.23 21.24
CA ILE A 432 10.62 3.35 19.82
C ILE A 432 11.37 2.12 19.36
N ALA A 433 12.34 1.67 20.17
CA ALA A 433 13.11 0.48 19.82
C ALA A 433 12.31 -0.80 20.00
N PHE A 434 11.35 -0.80 20.93
CA PHE A 434 10.57 -2.00 21.16
C PHE A 434 9.67 -2.31 19.97
N VAL A 435 9.04 -1.29 19.40
CA VAL A 435 8.16 -1.50 18.24
C VAL A 435 8.97 -2.00 17.05
N CYS A 436 10.14 -1.40 16.82
CA CYS A 436 10.96 -1.82 15.69
C CYS A 436 11.57 -3.20 15.92
N SER A 437 12.00 -3.50 17.14
CA SER A 437 12.61 -4.79 17.41
C SER A 437 11.61 -5.92 17.21
N ILE A 438 10.39 -5.76 17.69
CA ILE A 438 9.37 -6.79 17.49
C ILE A 438 8.98 -6.86 16.02
N SER A 439 8.82 -5.70 15.38
CA SER A 439 8.49 -5.69 13.95
C SER A 439 9.63 -6.23 13.11
N TYR A 440 10.86 -6.18 13.63
CA TYR A 440 11.98 -6.80 12.91
C TYR A 440 11.94 -8.32 13.05
N LEU A 441 11.67 -8.81 14.26
CA LEU A 441 11.66 -10.25 14.48
C LEU A 441 10.54 -10.92 13.68
N LEU A 442 9.34 -10.32 13.70
CA LEU A 442 8.25 -10.86 12.90
C LEU A 442 8.52 -10.71 11.41
N GLY A 443 9.28 -9.70 11.03
CA GLY A 443 9.67 -9.55 9.64
C GLY A 443 10.76 -10.49 9.20
N LEU A 444 11.37 -11.22 10.14
CA LEU A 444 12.39 -12.21 9.79
C LEU A 444 11.79 -13.47 9.19
N THR A 445 10.49 -13.68 9.31
CA THR A 445 9.87 -14.88 8.76
C THR A 445 9.73 -14.81 7.26
N MET A 446 9.76 -13.61 6.69
CA MET A 446 9.72 -13.42 5.24
C MET A 446 11.10 -13.31 4.63
N VAL A 447 12.15 -13.44 5.43
CA VAL A 447 13.52 -13.41 4.92
C VAL A 447 14.09 -14.80 4.72
N THR A 448 13.53 -15.81 5.38
CA THR A 448 13.97 -17.19 5.16
C THR A 448 13.72 -17.59 3.70
N GLU A 449 14.20 -18.78 3.34
CA GLU A 449 14.08 -19.23 1.96
C GLU A 449 12.63 -19.34 1.54
N GLY A 450 11.79 -19.89 2.40
CA GLY A 450 10.36 -19.92 2.15
C GLY A 450 9.70 -18.66 2.64
N GLY A 451 10.39 -17.53 2.50
CA GLY A 451 9.87 -16.27 2.99
C GLY A 451 9.04 -15.51 1.98
N MET A 452 9.15 -15.85 0.70
CA MET A 452 8.33 -15.19 -0.30
C MET A 452 6.86 -15.56 -0.15
N TYR A 453 6.58 -16.81 0.23
CA TYR A 453 5.20 -17.24 0.41
C TYR A 453 4.56 -16.54 1.61
N VAL A 454 5.33 -16.35 2.68
CA VAL A 454 4.80 -15.63 3.85
C VAL A 454 4.56 -14.17 3.49
N PHE A 455 5.41 -13.59 2.65
CA PHE A 455 5.21 -12.21 2.22
C PHE A 455 3.91 -12.08 1.45
N GLN A 456 3.58 -13.06 0.61
CA GLN A 456 2.34 -13.00 -0.16
C GLN A 456 1.12 -13.21 0.74
N LEU A 457 1.28 -13.96 1.83
CA LEU A 457 0.20 -14.08 2.81
C LEU A 457 -0.10 -12.73 3.44
N PHE A 458 0.95 -12.03 3.89
CA PHE A 458 0.76 -10.71 4.48
C PHE A 458 0.22 -9.72 3.45
N ASP A 459 0.79 -9.73 2.26
CA ASP A 459 0.39 -8.76 1.24
C ASP A 459 -1.08 -8.94 0.87
N TYR A 460 -1.51 -10.19 0.67
CA TYR A 460 -2.87 -10.45 0.21
C TYR A 460 -3.90 -10.31 1.33
N TYR A 461 -3.49 -10.48 2.59
CA TYR A 461 -4.44 -10.54 3.69
C TYR A 461 -4.27 -9.44 4.72
N ALA A 462 -3.05 -9.16 5.17
CA ALA A 462 -2.86 -8.33 6.37
C ALA A 462 -3.33 -6.90 6.15
N ALA A 463 -3.00 -6.31 5.01
CA ALA A 463 -3.34 -4.91 4.74
C ALA A 463 -3.92 -4.77 3.34
N SER A 464 -4.79 -5.69 2.96
CA SER A 464 -5.47 -5.66 1.67
C SER A 464 -6.64 -6.62 1.75
N GLY A 465 -7.43 -6.66 0.68
CA GLY A 465 -8.54 -7.58 0.65
C GLY A 465 -9.66 -7.14 1.58
N VAL A 466 -10.27 -8.13 2.25
CA VAL A 466 -11.47 -7.85 3.02
C VAL A 466 -11.19 -6.99 4.24
N CYS A 467 -9.97 -7.04 4.78
CA CYS A 467 -9.69 -6.25 5.97
C CYS A 467 -9.74 -4.76 5.67
N LEU A 468 -9.28 -4.36 4.49
CA LEU A 468 -9.36 -2.96 4.10
C LEU A 468 -10.78 -2.57 3.72
N LEU A 469 -11.51 -3.48 3.06
CA LEU A 469 -12.89 -3.19 2.73
C LEU A 469 -13.76 -3.14 3.97
N TRP A 470 -13.42 -3.92 5.00
CA TRP A 470 -14.21 -3.90 6.23
C TRP A 470 -14.16 -2.53 6.89
N VAL A 471 -12.97 -1.92 6.97
CA VAL A 471 -12.85 -0.61 7.59
C VAL A 471 -13.47 0.45 6.71
N ALA A 472 -13.21 0.37 5.40
CA ALA A 472 -13.72 1.39 4.48
C ALA A 472 -15.25 1.40 4.46
N PHE A 473 -15.88 0.23 4.56
CA PHE A 473 -17.33 0.19 4.66
C PHE A 473 -17.81 0.84 5.95
N PHE A 474 -17.09 0.61 7.05
CA PHE A 474 -17.56 1.08 8.35
C PHE A 474 -17.23 2.55 8.57
N GLU A 475 -16.19 3.07 7.94
CA GLU A 475 -15.95 4.51 8.00
C GLU A 475 -17.05 5.27 7.26
N CYS A 476 -17.47 4.76 6.11
CA CYS A 476 -18.54 5.42 5.36
C CYS A 476 -19.90 5.18 6.00
N PHE A 477 -20.14 3.97 6.53
CA PHE A 477 -21.43 3.67 7.11
C PHE A 477 -21.73 4.57 8.31
N VAL A 478 -20.73 4.79 9.17
CA VAL A 478 -20.95 5.61 10.36
C VAL A 478 -21.20 7.07 9.95
N ILE A 479 -20.39 7.59 9.04
CA ILE A 479 -20.50 8.99 8.67
C ILE A 479 -21.76 9.24 7.86
N ALA A 480 -22.03 8.38 6.87
CA ALA A 480 -23.14 8.64 5.96
C ALA A 480 -24.48 8.33 6.59
N TRP A 481 -24.58 7.27 7.38
CA TRP A 481 -25.86 6.79 7.87
C TRP A 481 -26.11 7.09 9.33
N ILE A 482 -25.09 7.02 10.17
CA ILE A 482 -25.28 7.29 11.59
C ILE A 482 -25.08 8.77 11.90
N TYR A 483 -23.87 9.27 11.64
CA TYR A 483 -23.62 10.70 11.82
C TYR A 483 -24.47 11.54 10.88
N GLY A 484 -24.59 11.10 9.62
CA GLY A 484 -25.33 11.85 8.63
C GLY A 484 -24.43 12.52 7.62
N GLY A 485 -24.53 12.11 6.36
CA GLY A 485 -23.74 12.77 5.33
C GLY A 485 -24.14 14.22 5.13
N ASP A 486 -25.43 14.50 5.26
CA ASP A 486 -25.89 15.89 5.16
C ASP A 486 -25.39 16.72 6.34
N ASN A 487 -25.26 16.09 7.50
CA ASN A 487 -24.70 16.78 8.66
C ASN A 487 -23.24 17.15 8.44
N LEU A 488 -22.47 16.26 7.82
CA LEU A 488 -21.07 16.55 7.58
C LEU A 488 -20.88 17.69 6.60
N TYR A 489 -21.78 17.84 5.64
CA TYR A 489 -21.67 18.95 4.69
C TYR A 489 -21.79 20.28 5.40
N ASP A 490 -22.70 20.38 6.37
CA ASP A 490 -22.79 21.61 7.16
C ASP A 490 -21.47 21.92 7.86
N GLY A 491 -20.79 20.88 8.34
CA GLY A 491 -19.44 21.08 8.82
C GLY A 491 -18.48 21.43 7.71
N ILE A 492 -18.55 20.73 6.58
CA ILE A 492 -17.60 20.95 5.49
C ILE A 492 -17.78 22.33 4.89
N GLU A 493 -19.04 22.73 4.65
CA GLU A 493 -19.29 24.04 4.05
C GLU A 493 -18.81 25.16 4.95
N ASP A 494 -18.76 24.93 6.26
CA ASP A 494 -18.17 25.91 7.16
C ASP A 494 -16.65 25.87 7.10
N MET A 495 -16.08 24.73 6.74
CA MET A 495 -14.62 24.55 6.73
C MET A 495 -14.00 25.08 5.45
N ILE A 496 -14.39 24.53 4.30
CA ILE A 496 -13.76 24.89 3.04
C ILE A 496 -14.41 26.10 2.36
N GLY A 497 -15.50 26.61 2.91
CA GLY A 497 -16.10 27.84 2.45
C GLY A 497 -17.27 27.65 1.50
N TYR A 498 -17.40 26.47 0.89
CA TYR A 498 -18.50 26.20 -0.01
C TYR A 498 -18.96 24.77 0.14
N ARG A 499 -20.26 24.57 0.10
CA ARG A 499 -20.81 23.21 0.21
C ARG A 499 -20.50 22.43 -1.06
N PRO A 500 -19.88 21.26 -0.96
CA PRO A 500 -19.53 20.51 -2.18
C PRO A 500 -20.76 19.97 -2.89
N GLY A 501 -20.54 19.28 -4.00
CA GLY A 501 -21.63 18.69 -4.75
C GLY A 501 -22.12 17.42 -4.12
N PRO A 502 -23.11 16.79 -4.77
CA PRO A 502 -23.69 15.55 -4.25
C PRO A 502 -22.83 14.32 -4.47
N TRP A 503 -21.63 14.46 -5.02
CA TRP A 503 -20.77 13.30 -5.25
C TRP A 503 -20.33 12.67 -3.94
N MET A 504 -19.82 13.49 -3.02
CA MET A 504 -19.27 12.94 -1.79
C MET A 504 -20.36 12.32 -0.93
N LYS A 505 -21.52 12.98 -0.86
CA LYS A 505 -22.61 12.47 -0.02
C LYS A 505 -23.13 11.14 -0.54
N TYR A 506 -23.27 11.00 -1.85
CA TYR A 506 -23.80 9.79 -2.46
C TYR A 506 -22.77 8.69 -2.62
N SER A 507 -21.50 8.95 -2.30
CA SER A 507 -20.48 7.92 -2.34
C SER A 507 -20.27 7.24 -1.00
N TRP A 508 -20.43 7.98 0.10
CA TRP A 508 -20.42 7.36 1.41
C TRP A 508 -21.72 6.64 1.71
N ALA A 509 -22.85 7.17 1.24
CA ALA A 509 -24.14 6.61 1.59
C ALA A 509 -24.43 5.33 0.81
N VAL A 510 -24.08 5.29 -0.47
CA VAL A 510 -24.49 4.21 -1.36
C VAL A 510 -23.30 3.51 -2.00
N ILE A 511 -22.49 4.26 -2.74
CA ILE A 511 -21.54 3.65 -3.67
C ILE A 511 -20.50 2.83 -2.94
N THR A 512 -19.89 3.40 -1.91
CA THR A 512 -18.85 2.66 -1.18
C THR A 512 -19.40 1.46 -0.43
N PRO A 513 -20.48 1.57 0.34
CA PRO A 513 -21.02 0.35 0.98
C PRO A 513 -21.42 -0.74 -0.01
N VAL A 514 -22.01 -0.39 -1.14
CA VAL A 514 -22.39 -1.41 -2.11
C VAL A 514 -21.15 -2.05 -2.73
N LEU A 515 -20.13 -1.25 -3.01
CA LEU A 515 -18.89 -1.80 -3.55
C LEU A 515 -18.22 -2.73 -2.55
N CYS A 516 -18.17 -2.32 -1.28
CA CYS A 516 -17.50 -3.14 -0.27
C CYS A 516 -18.31 -4.37 0.09
N VAL A 517 -19.63 -4.22 0.30
CA VAL A 517 -20.47 -5.37 0.59
C VAL A 517 -20.56 -6.30 -0.62
N GLY A 518 -20.76 -5.72 -1.81
CA GLY A 518 -20.87 -6.55 -3.01
C GLY A 518 -19.60 -7.33 -3.30
N CYS A 519 -18.45 -6.69 -3.16
CA CYS A 519 -17.18 -7.39 -3.38
C CYS A 519 -16.93 -8.41 -2.28
N PHE A 520 -17.30 -8.09 -1.04
CA PHE A 520 -17.14 -9.04 0.06
C PHE A 520 -17.99 -10.28 -0.17
N ILE A 521 -19.27 -10.10 -0.48
CA ILE A 521 -20.17 -11.24 -0.64
C ILE A 521 -19.74 -12.10 -1.82
N PHE A 522 -19.43 -11.47 -2.95
CA PHE A 522 -19.12 -12.24 -4.15
C PHE A 522 -17.73 -12.87 -4.10
N SER A 523 -16.85 -12.37 -3.22
CA SER A 523 -15.57 -13.04 -3.06
C SER A 523 -15.72 -14.35 -2.30
N LEU A 524 -16.65 -14.41 -1.35
CA LEU A 524 -16.89 -15.65 -0.62
C LEU A 524 -17.70 -16.64 -1.45
N VAL A 525 -18.63 -16.15 -2.26
CA VAL A 525 -19.46 -17.05 -3.07
C VAL A 525 -18.60 -17.76 -4.11
N LYS A 526 -17.83 -17.00 -4.87
CA LYS A 526 -16.87 -17.56 -5.82
C LYS A 526 -15.46 -17.56 -5.23
N TYR A 527 -15.31 -18.32 -4.16
CA TYR A 527 -14.05 -18.33 -3.41
C TYR A 527 -13.00 -19.12 -4.18
N VAL A 528 -11.87 -18.49 -4.44
CA VAL A 528 -10.69 -19.16 -4.96
C VAL A 528 -9.54 -18.91 -3.98
N PRO A 529 -8.86 -19.94 -3.49
CA PRO A 529 -7.83 -19.74 -2.48
C PRO A 529 -6.63 -19.00 -3.05
N LEU A 530 -5.91 -18.33 -2.15
CA LEU A 530 -4.73 -17.58 -2.55
C LEU A 530 -3.69 -18.50 -3.16
N THR A 531 -3.12 -18.07 -4.29
CA THR A 531 -2.07 -18.81 -4.96
C THR A 531 -0.92 -17.86 -5.28
N TYR A 532 0.30 -18.38 -5.18
CA TYR A 532 1.50 -17.60 -5.45
C TYR A 532 2.03 -17.97 -6.82
N ASN A 533 2.21 -16.96 -7.69
CA ASN A 533 2.70 -17.17 -9.05
C ASN A 533 1.82 -18.13 -9.82
N LYS A 534 0.52 -18.10 -9.56
CA LYS A 534 -0.52 -18.81 -10.31
C LYS A 534 -0.23 -20.29 -10.53
N THR A 535 0.67 -20.87 -9.72
CA THR A 535 0.93 -22.30 -9.80
C THR A 535 1.07 -22.98 -8.44
N TYR A 536 1.22 -22.23 -7.36
CA TYR A 536 1.44 -22.78 -6.03
C TYR A 536 0.14 -22.70 -5.25
N VAL A 537 -0.30 -23.83 -4.70
CA VAL A 537 -1.52 -23.89 -3.91
C VAL A 537 -1.14 -23.86 -2.43
N TYR A 538 -1.67 -22.88 -1.71
CA TYR A 538 -1.30 -22.76 -0.31
C TYR A 538 -1.94 -23.87 0.51
N PRO A 539 -1.26 -24.37 1.54
CA PRO A 539 -1.89 -25.33 2.45
C PRO A 539 -2.99 -24.65 3.25
N ASN A 540 -3.92 -25.47 3.74
CA ASN A 540 -5.08 -24.94 4.45
C ASN A 540 -4.67 -24.10 5.65
N TRP A 541 -3.69 -24.57 6.42
CA TRP A 541 -3.28 -23.82 7.60
C TRP A 541 -2.69 -22.47 7.24
N ALA A 542 -2.02 -22.37 6.08
CA ALA A 542 -1.50 -21.08 5.65
C ALA A 542 -2.62 -20.09 5.37
N ILE A 543 -3.69 -20.55 4.73
CA ILE A 543 -4.84 -19.69 4.49
C ILE A 543 -5.53 -19.36 5.82
N GLY A 544 -5.65 -20.35 6.70
CA GLY A 544 -6.19 -20.09 8.02
C GLY A 544 -5.34 -19.11 8.81
N LEU A 545 -4.01 -19.22 8.69
CA LEU A 545 -3.13 -18.21 9.26
C LEU A 545 -3.33 -16.87 8.57
N GLY A 546 -3.44 -16.88 7.25
CA GLY A 546 -3.64 -15.63 6.53
C GLY A 546 -4.97 -14.98 6.84
N TRP A 547 -6.02 -15.77 7.01
CA TRP A 547 -7.31 -15.21 7.37
C TRP A 547 -7.28 -14.62 8.76
N SER A 548 -6.39 -15.12 9.63
CA SER A 548 -6.28 -14.57 10.98
C SER A 548 -5.66 -13.18 10.97
N LEU A 549 -4.73 -12.93 10.06
CA LEU A 549 -4.16 -11.59 9.94
C LEU A 549 -5.23 -10.59 9.53
N ALA A 550 -6.09 -10.98 8.58
CA ALA A 550 -7.22 -10.12 8.24
C ALA A 550 -8.22 -10.06 9.39
N LEU A 551 -8.54 -11.21 9.97
CA LEU A 551 -9.59 -11.25 10.98
C LEU A 551 -9.17 -10.56 12.27
N SER A 552 -7.86 -10.42 12.51
CA SER A 552 -7.40 -9.74 13.71
C SER A 552 -7.83 -8.28 13.71
N SER A 553 -7.71 -7.62 12.56
CA SER A 553 -8.14 -6.22 12.47
C SER A 553 -9.65 -6.10 12.34
N MET A 554 -10.29 -6.99 11.60
CA MET A 554 -11.73 -6.91 11.40
C MET A 554 -12.49 -7.07 12.71
N LEU A 555 -12.02 -7.97 13.58
CA LEU A 555 -12.73 -8.19 14.85
C LEU A 555 -12.63 -7.03 15.82
N CYS A 556 -11.76 -6.05 15.57
CA CYS A 556 -11.69 -4.92 16.48
C CYS A 556 -12.99 -4.12 16.49
N VAL A 557 -13.62 -3.96 15.33
CA VAL A 557 -14.87 -3.20 15.28
C VAL A 557 -15.98 -3.84 16.10
N PRO A 558 -16.31 -5.13 15.95
CA PRO A 558 -17.35 -5.70 16.80
C PRO A 558 -16.93 -5.85 18.25
N LEU A 559 -15.66 -6.17 18.50
CA LEU A 559 -15.21 -6.38 19.87
C LEU A 559 -15.31 -5.11 20.70
N VAL A 560 -14.91 -3.96 20.12
CA VAL A 560 -15.02 -2.71 20.86
C VAL A 560 -16.48 -2.35 21.11
N ILE A 561 -17.37 -2.72 20.19
CA ILE A 561 -18.80 -2.51 20.42
C ILE A 561 -19.24 -3.31 21.64
N VAL A 562 -18.80 -4.56 21.74
CA VAL A 562 -19.16 -5.40 22.88
C VAL A 562 -18.55 -4.83 24.16
N ILE A 563 -17.30 -4.38 24.10
CA ILE A 563 -16.66 -3.79 25.27
C ILE A 563 -17.37 -2.51 25.67
N ARG A 564 -17.69 -1.65 24.69
CA ARG A 564 -18.30 -0.37 25.01
C ARG A 564 -19.67 -0.55 25.66
N LEU A 565 -20.48 -1.47 25.14
CA LEU A 565 -21.82 -1.68 25.68
C LEU A 565 -21.76 -2.18 27.12
N CYS A 566 -20.86 -3.11 27.41
CA CYS A 566 -20.75 -3.65 28.76
C CYS A 566 -20.19 -2.62 29.72
N GLN A 567 -19.31 -1.74 29.24
CA GLN A 567 -18.78 -0.68 30.09
C GLN A 567 -19.88 0.30 30.49
N THR A 568 -20.76 0.65 29.56
CA THR A 568 -21.86 1.57 29.84
C THR A 568 -22.91 0.87 30.70
N GLU A 569 -23.58 1.65 31.54
CA GLU A 569 -24.60 1.15 32.44
C GLU A 569 -25.97 1.68 32.04
N GLY A 570 -27.00 0.85 32.21
CA GLY A 570 -28.35 1.24 31.91
C GLY A 570 -29.06 0.23 31.03
N PRO A 571 -30.31 0.54 30.65
CA PRO A 571 -31.03 -0.33 29.72
C PRO A 571 -30.33 -0.37 28.36
N PHE A 572 -30.49 -1.51 27.68
CA PHE A 572 -29.75 -1.73 26.44
C PHE A 572 -30.08 -0.69 25.39
N LEU A 573 -31.36 -0.36 25.22
CA LEU A 573 -31.74 0.65 24.23
C LEU A 573 -31.18 2.01 24.59
N VAL A 574 -31.17 2.36 25.88
CA VAL A 574 -30.54 3.60 26.31
C VAL A 574 -29.04 3.53 26.07
N ARG A 575 -28.44 2.35 26.28
CA ARG A 575 -27.00 2.20 26.12
C ARG A 575 -26.57 2.46 24.67
N VAL A 576 -27.30 1.89 23.72
CA VAL A 576 -26.90 2.03 22.32
C VAL A 576 -27.15 3.46 21.84
N LYS A 577 -28.17 4.13 22.38
CA LYS A 577 -28.42 5.51 21.99
C LYS A 577 -27.34 6.44 22.53
N TYR A 578 -26.89 6.20 23.77
CA TYR A 578 -25.88 7.05 24.37
C TYR A 578 -24.57 7.00 23.58
N LEU A 579 -24.21 5.82 23.09
CA LEU A 579 -22.91 5.64 22.46
C LEU A 579 -22.89 6.05 20.99
N LEU A 580 -24.03 6.42 20.42
CA LEU A 580 -24.10 6.86 19.03
C LEU A 580 -24.14 8.38 18.89
N THR A 581 -24.14 9.11 20.01
CA THR A 581 -24.22 10.57 19.95
C THR A 581 -22.81 11.15 19.93
N PRO A 582 -22.49 12.00 18.94
CA PRO A 582 -21.15 12.58 18.89
C PRO A 582 -20.87 13.42 20.13
N ARG A 583 -19.62 13.40 20.57
CA ARG A 583 -19.18 14.19 21.72
C ARG A 583 -18.51 15.48 21.24
N GLU A 584 -19.36 16.42 20.81
CA GLU A 584 -19.00 17.76 20.35
C GLU A 584 -17.72 17.75 19.51
N PRO A 585 -17.77 17.18 18.30
CA PRO A 585 -16.52 16.99 17.54
C PRO A 585 -15.78 18.27 17.20
N ASN A 586 -16.48 19.35 16.89
CA ASN A 586 -15.85 20.60 16.46
C ASN A 586 -15.58 21.52 17.64
N ARG A 587 -14.97 20.97 18.69
CA ARG A 587 -14.78 21.77 19.93
C ARG A 587 -13.44 22.50 19.87
N TRP A 588 -13.32 23.53 19.03
CA TRP A 588 -12.08 24.34 18.94
C TRP A 588 -12.43 25.82 18.84
N ALA A 589 -11.80 26.67 19.64
CA ALA A 589 -12.07 28.13 19.62
C ALA A 589 -10.91 28.86 18.92
N VAL A 590 -9.89 28.11 18.49
CA VAL A 590 -8.73 28.72 17.80
C VAL A 590 -9.21 29.41 16.51
N GLU A 591 -10.14 28.77 15.79
CA GLU A 591 -10.71 29.36 14.55
C GLU A 591 -12.22 29.44 14.69
N ARG A 592 -12.89 30.17 13.78
CA ARG A 592 -14.36 30.34 13.86
C ARG A 592 -15.02 29.00 13.52
N GLU A 593 -15.72 28.39 14.49
CA GLU A 593 -16.35 27.06 14.25
C GLU A 593 -17.81 27.09 14.70
N GLY A 594 -18.74 26.88 13.76
CA GLY A 594 -20.17 26.84 14.12
C GLY A 594 -20.51 25.57 14.88
N ALA A 595 -21.33 25.67 15.92
CA ALA A 595 -21.73 24.48 16.72
C ALA A 595 -22.32 23.41 15.80
N THR A 596 -21.99 22.13 16.06
CA THR A 596 -22.49 21.04 15.23
C THR A 596 -23.99 21.16 14.91
N PRO A 597 -24.90 21.47 15.85
CA PRO A 597 -26.29 21.55 15.39
C PRO A 597 -26.58 22.89 14.72
#